data_4FG4
#
_entry.id   4FG4
#
_cell.length_a   58.039
_cell.length_b   58.039
_cell.length_c   146.801
_cell.angle_alpha   90.00
_cell.angle_beta   90.00
_cell.angle_gamma   120.00
#
_symmetry.space_group_name_H-M   'P 31'
#
loop_
_entity.id
_entity.type
_entity.pdbx_description
1 polymer Expansin-yoaJ
2 branched beta-D-glucopyranose-(1-4)-4-thio-beta-D-glucopyranose-(1-4)-beta-D-glucopyranose-(1-4)-4-thio-beta-D-glucopyranose-(1-4)-1-thio-beta-D-glucopyranose
3 water water
#
_entity_poly.entity_id   1
_entity_poly.type   'polypeptide(L)'
_entity_poly.pdbx_seq_one_letter_code
;MAYDDLHEGYATYTGSGYSGGAFLLDPIPSDMEITAINPADLNYGGVKAALAGSYLEVEGPKGKTTVYVTDLYPEGARGA
LDLSPNAFRKIGNMKDGKINIKWRVVKAPITGNFTYRIKEGSSRWWAAIQVRNHKYPVMKMEYEKDGKWINMEKMDYNHF
VSTNLGTGSLKVRMTDIRGKVVKDTIPKLPESGTSKAYTVPGHVQFPE
;
_entity_poly.pdbx_strand_id   A,B
#
# COMPACT_ATOMS: atom_id res chain seq x y z
N ALA A 2 10.24 -35.33 15.10
CA ALA A 2 9.49 -35.58 16.32
C ALA A 2 8.17 -36.31 16.03
N TYR A 3 7.07 -35.65 16.38
CA TYR A 3 5.75 -35.93 15.86
C TYR A 3 5.73 -35.29 14.47
N ASP A 4 5.68 -36.10 13.43
CA ASP A 4 6.08 -35.67 12.09
C ASP A 4 5.37 -36.43 10.98
N ASP A 5 4.03 -36.32 10.97
CA ASP A 5 3.19 -37.14 10.08
C ASP A 5 3.48 -37.04 8.58
N LEU A 6 3.39 -38.17 7.91
CA LEU A 6 3.40 -38.18 6.45
C LEU A 6 2.08 -37.65 5.89
N HIS A 7 2.13 -37.10 4.68
CA HIS A 7 0.91 -36.71 4.00
C HIS A 7 0.69 -37.52 2.71
N GLU A 8 -0.44 -38.20 2.65
CA GLU A 8 -0.82 -39.02 1.51
C GLU A 8 -1.52 -38.18 0.44
N GLY A 9 -1.23 -38.46 -0.82
CA GLY A 9 -1.86 -37.77 -1.93
C GLY A 9 -1.42 -38.28 -3.28
N TYR A 10 -1.72 -37.50 -4.32
CA TYR A 10 -1.32 -37.88 -5.66
C TYR A 10 -0.27 -36.94 -6.20
N ALA A 11 0.68 -37.49 -6.95
CA ALA A 11 1.64 -36.68 -7.67
C ALA A 11 1.40 -36.76 -9.17
N THR A 12 1.49 -35.61 -9.83
CA THR A 12 1.61 -35.54 -11.28
C THR A 12 2.96 -34.90 -11.62
N TYR A 13 3.27 -34.78 -12.91
CA TYR A 13 4.49 -34.07 -13.32
C TYR A 13 4.18 -32.93 -14.31
N THR A 14 5.15 -32.02 -14.41
CA THR A 14 4.99 -30.71 -15.05
C THR A 14 6.37 -30.12 -15.26
N GLY A 15 6.46 -29.10 -16.11
CA GLY A 15 7.72 -28.51 -16.50
C GLY A 15 7.81 -27.04 -16.18
N SER A 16 6.72 -26.51 -15.67
CA SER A 16 6.73 -25.15 -15.15
C SER A 16 7.35 -25.13 -13.76
N GLY A 17 7.44 -23.93 -13.20
CA GLY A 17 7.99 -23.81 -11.86
C GLY A 17 9.48 -23.55 -11.85
N TYR A 18 10.15 -23.81 -12.96
CA TYR A 18 11.54 -23.40 -13.12
C TYR A 18 11.63 -21.90 -13.36
N SER A 19 10.52 -21.34 -13.82
CA SER A 19 10.49 -19.92 -14.12
C SER A 19 9.08 -19.42 -13.90
N GLY A 20 8.96 -18.19 -13.39
CA GLY A 20 7.67 -17.54 -13.25
C GLY A 20 6.67 -18.17 -12.28
N GLY A 21 7.12 -19.09 -11.44
CA GLY A 21 6.28 -19.68 -10.42
C GLY A 21 5.81 -18.64 -9.39
N ALA A 22 4.73 -18.96 -8.69
CA ALA A 22 4.06 -18.01 -7.78
C ALA A 22 4.90 -17.44 -6.66
N PHE A 23 5.90 -18.19 -6.20
CA PHE A 23 6.59 -17.84 -4.96
C PHE A 23 7.80 -16.97 -5.23
N LEU A 24 7.98 -16.60 -6.50
CA LEU A 24 9.01 -15.63 -6.90
C LEU A 24 10.40 -16.07 -6.46
N LEU A 25 10.74 -17.31 -6.74
CA LEU A 25 11.97 -17.87 -6.23
C LEU A 25 13.07 -18.02 -7.30
N ASP A 26 12.87 -17.39 -8.46
CA ASP A 26 13.78 -17.54 -9.60
C ASP A 26 15.13 -16.82 -9.40
N PRO A 27 16.19 -17.29 -10.09
CA PRO A 27 16.27 -18.44 -11.00
C PRO A 27 16.30 -19.82 -10.33
N ILE A 28 15.85 -20.84 -11.05
CA ILE A 28 15.94 -22.22 -10.59
C ILE A 28 16.90 -23.02 -11.48
N PRO A 29 17.95 -23.60 -10.88
CA PRO A 29 18.84 -24.47 -11.65
C PRO A 29 18.05 -25.60 -12.33
N SER A 30 18.34 -25.89 -13.58
CA SER A 30 17.50 -26.82 -14.33
C SER A 30 17.63 -28.27 -13.88
N ASP A 31 18.70 -28.54 -13.12
CA ASP A 31 18.92 -29.85 -12.53
C ASP A 31 18.22 -29.94 -11.17
N MET A 32 17.68 -28.82 -10.71
CA MET A 32 17.01 -28.83 -9.42
C MET A 32 15.72 -29.67 -9.41
N GLU A 33 15.55 -30.47 -8.37
CA GLU A 33 14.29 -31.21 -8.19
C GLU A 33 13.28 -30.30 -7.51
N ILE A 34 12.15 -30.04 -8.18
CA ILE A 34 11.20 -29.08 -7.62
C ILE A 34 9.75 -29.58 -7.59
N THR A 35 8.86 -28.75 -7.05
CA THR A 35 7.43 -29.07 -7.04
C THR A 35 6.52 -27.87 -6.91
N ALA A 36 5.31 -28.06 -7.43
CA ALA A 36 4.20 -27.17 -7.17
C ALA A 36 3.36 -27.82 -6.08
N ILE A 37 2.81 -27.01 -5.19
CA ILE A 37 1.99 -27.54 -4.10
C ILE A 37 0.53 -27.04 -4.14
N ASN A 38 -0.40 -27.96 -3.86
CA ASN A 38 -1.83 -27.63 -3.75
C ASN A 38 -2.09 -26.55 -2.68
N PRO A 39 -3.15 -25.74 -2.88
CA PRO A 39 -3.38 -24.58 -2.01
C PRO A 39 -3.63 -24.91 -0.54
N ALA A 40 -4.39 -25.98 -0.28
CA ALA A 40 -4.76 -26.33 1.09
C ALA A 40 -3.51 -26.65 1.96
N ASP A 41 -2.59 -27.41 1.39
CA ASP A 41 -1.39 -27.76 2.13
C ASP A 41 -0.37 -26.61 2.14
N LEU A 42 -0.40 -25.77 1.12
CA LEU A 42 0.52 -24.63 1.03
C LEU A 42 0.24 -23.62 2.12
N ASN A 43 -1.03 -23.31 2.31
CA ASN A 43 -1.42 -22.24 3.21
C ASN A 43 -1.64 -22.72 4.66
N TYR A 44 -0.99 -23.82 5.03
CA TYR A 44 -1.00 -24.37 6.38
C TYR A 44 -0.96 -23.29 7.46
N GLY A 45 -1.78 -23.46 8.49
CA GLY A 45 -1.78 -22.58 9.65
C GLY A 45 -2.43 -21.23 9.39
N GLY A 46 -3.00 -21.06 8.21
CA GLY A 46 -3.65 -19.82 7.86
C GLY A 46 -2.65 -18.82 7.33
N VAL A 47 -1.47 -19.31 6.99
CA VAL A 47 -0.45 -18.45 6.44
C VAL A 47 -0.35 -18.69 4.96
N LYS A 48 -0.65 -17.67 4.18
CA LYS A 48 -0.50 -17.71 2.75
C LYS A 48 0.96 -18.04 2.43
N ALA A 49 1.17 -19.08 1.61
CA ALA A 49 2.50 -19.51 1.20
C ALA A 49 3.34 -19.98 2.39
N ALA A 50 2.65 -20.48 3.41
CA ALA A 50 3.31 -21.06 4.57
C ALA A 50 4.44 -22.01 4.16
N LEU A 51 4.19 -22.82 3.13
CA LEU A 51 5.12 -23.87 2.74
C LEU A 51 5.96 -23.51 1.53
N ALA A 52 5.86 -22.26 1.09
CA ALA A 52 6.65 -21.80 -0.05
C ALA A 52 8.13 -21.86 0.30
N GLY A 53 8.95 -22.37 -0.62
CA GLY A 53 10.38 -22.41 -0.38
C GLY A 53 10.77 -23.49 0.61
N SER A 54 9.88 -24.43 0.84
CA SER A 54 10.23 -25.53 1.70
C SER A 54 10.84 -26.67 0.88
N TYR A 55 11.18 -27.74 1.56
CA TYR A 55 11.59 -28.96 0.89
C TYR A 55 10.72 -30.09 1.39
N LEU A 56 10.37 -30.99 0.47
CA LEU A 56 9.55 -32.14 0.83
C LEU A 56 10.28 -33.43 0.49
N GLU A 57 10.13 -34.42 1.37
CA GLU A 57 10.53 -35.78 1.02
C GLU A 57 9.30 -36.51 0.49
N VAL A 58 9.46 -37.17 -0.65
CA VAL A 58 8.35 -37.74 -1.38
C VAL A 58 8.62 -39.22 -1.70
N GLU A 59 7.80 -40.11 -1.14
CA GLU A 59 7.82 -41.53 -1.48
C GLU A 59 6.81 -41.85 -2.59
N GLY A 60 7.28 -42.44 -3.68
CA GLY A 60 6.40 -42.95 -4.73
C GLY A 60 6.45 -44.47 -4.71
N PRO A 61 5.80 -45.10 -5.70
CA PRO A 61 5.86 -46.57 -5.71
C PRO A 61 7.23 -47.12 -6.10
N LYS A 62 8.21 -46.25 -6.35
CA LYS A 62 9.46 -46.72 -6.92
C LYS A 62 10.70 -46.18 -6.22
N GLY A 63 10.49 -45.36 -5.20
CA GLY A 63 11.62 -44.75 -4.49
C GLY A 63 11.17 -43.55 -3.67
N LYS A 64 12.15 -42.80 -3.17
CA LYS A 64 11.89 -41.64 -2.31
C LYS A 64 12.76 -40.47 -2.82
N THR A 65 12.28 -39.23 -2.75
CA THR A 65 13.09 -38.10 -3.20
C THR A 65 12.73 -36.76 -2.57
N THR A 66 13.64 -35.80 -2.67
CA THR A 66 13.46 -34.50 -2.04
C THR A 66 13.29 -33.37 -3.06
N VAL A 67 12.24 -32.56 -2.89
CA VAL A 67 11.99 -31.45 -3.81
C VAL A 67 11.81 -30.10 -3.13
N TYR A 68 12.37 -29.07 -3.79
CA TYR A 68 12.22 -27.65 -3.46
C TYR A 68 10.84 -27.16 -3.93
N VAL A 69 10.08 -26.54 -3.05
CA VAL A 69 8.73 -26.08 -3.39
C VAL A 69 8.76 -24.67 -3.99
N THR A 70 8.45 -24.54 -5.29
CA THR A 70 8.66 -23.27 -6.03
C THR A 70 7.38 -22.59 -6.57
N ASP A 71 6.25 -23.28 -6.48
CA ASP A 71 5.09 -22.83 -7.23
C ASP A 71 3.77 -23.35 -6.65
N LEU A 72 2.70 -22.59 -6.88
CA LEU A 72 1.35 -23.02 -6.54
C LEU A 72 0.78 -23.99 -7.59
N TYR A 73 0.12 -25.04 -7.10
CA TYR A 73 -0.60 -26.01 -7.91
C TYR A 73 -2.08 -25.74 -7.69
N PRO A 74 -2.65 -24.82 -8.49
CA PRO A 74 -3.97 -24.20 -8.31
C PRO A 74 -5.13 -25.19 -8.28
N GLU A 75 -5.06 -26.22 -9.11
CA GLU A 75 -6.20 -27.12 -9.28
C GLU A 75 -5.93 -28.43 -8.57
N GLY A 76 -5.03 -28.40 -7.59
CA GLY A 76 -4.65 -29.61 -6.89
C GLY A 76 -5.50 -29.85 -5.66
N ALA A 77 -5.89 -31.10 -5.46
CA ALA A 77 -6.59 -31.53 -4.25
C ALA A 77 -5.64 -31.55 -3.05
N ARG A 78 -6.20 -31.72 -1.85
CA ARG A 78 -5.37 -31.87 -0.65
C ARG A 78 -4.42 -33.06 -0.81
N GLY A 79 -3.12 -32.82 -0.59
CA GLY A 79 -2.14 -33.87 -0.68
C GLY A 79 -1.44 -33.93 -2.03
N ALA A 80 -1.91 -33.12 -2.98
CA ALA A 80 -1.38 -33.16 -4.35
C ALA A 80 -0.11 -32.32 -4.61
N LEU A 81 0.88 -32.99 -5.21
CA LEU A 81 2.10 -32.33 -5.63
C LEU A 81 2.29 -32.42 -7.15
N ASP A 82 2.80 -31.35 -7.76
CA ASP A 82 3.07 -31.35 -9.19
C ASP A 82 4.58 -31.26 -9.45
N LEU A 83 5.21 -32.43 -9.54
CA LEU A 83 6.68 -32.57 -9.56
C LEU A 83 7.34 -32.30 -10.93
N SER A 84 8.60 -31.86 -10.89
CA SER A 84 9.41 -31.83 -12.09
C SER A 84 9.69 -33.27 -12.52
N PRO A 85 9.78 -33.50 -13.85
CA PRO A 85 9.84 -34.89 -14.31
C PRO A 85 11.13 -35.54 -13.86
N ASN A 86 12.21 -34.75 -13.72
CA ASN A 86 13.47 -35.32 -13.27
C ASN A 86 13.33 -35.87 -11.83
N ALA A 87 12.50 -35.18 -11.04
CA ALA A 87 12.15 -35.66 -9.72
C ALA A 87 11.14 -36.81 -9.82
N PHE A 88 10.08 -36.63 -10.62
CA PHE A 88 9.01 -37.63 -10.71
C PHE A 88 9.58 -39.01 -11.09
N ARG A 89 10.48 -39.02 -12.06
CA ARG A 89 10.98 -40.27 -12.64
C ARG A 89 11.70 -41.17 -11.62
N LYS A 90 12.09 -40.59 -10.48
CA LYS A 90 12.85 -41.31 -9.48
C LYS A 90 11.92 -42.11 -8.56
N ILE A 91 10.64 -41.77 -8.60
CA ILE A 91 9.70 -42.34 -7.66
C ILE A 91 8.51 -43.01 -8.34
N GLY A 92 8.39 -42.84 -9.66
CA GLY A 92 7.30 -43.47 -10.38
C GLY A 92 7.54 -43.56 -11.87
N ASN A 93 6.74 -44.38 -12.56
CA ASN A 93 6.78 -44.43 -14.03
C ASN A 93 5.98 -43.30 -14.60
N MET A 94 6.59 -42.56 -15.53
CA MET A 94 5.91 -41.44 -16.17
C MET A 94 4.85 -41.92 -17.17
N LYS A 95 4.83 -43.23 -17.44
CA LYS A 95 3.78 -43.87 -18.24
C LYS A 95 2.44 -43.75 -17.51
N ASP A 96 2.48 -43.95 -16.20
CA ASP A 96 1.39 -43.56 -15.33
C ASP A 96 1.51 -42.04 -15.23
N GLY A 97 0.40 -41.33 -15.22
CA GLY A 97 0.50 -39.89 -15.21
C GLY A 97 0.38 -39.39 -13.79
N LYS A 98 -0.18 -40.25 -12.96
CA LYS A 98 -0.56 -39.90 -11.61
C LYS A 98 -0.16 -41.08 -10.73
N ILE A 99 0.60 -40.82 -9.68
CA ILE A 99 1.02 -41.86 -8.73
C ILE A 99 0.60 -41.54 -7.29
N ASN A 100 0.36 -42.60 -6.50
CA ASN A 100 0.22 -42.44 -5.05
C ASN A 100 1.51 -42.04 -4.38
N ILE A 101 1.42 -40.99 -3.56
CA ILE A 101 2.58 -40.52 -2.82
C ILE A 101 2.35 -40.34 -1.33
N LYS A 102 3.45 -40.29 -0.60
CA LYS A 102 3.45 -39.94 0.82
C LYS A 102 4.59 -38.96 1.00
N TRP A 103 4.27 -37.77 1.50
CA TRP A 103 5.28 -36.74 1.66
C TRP A 103 5.22 -36.04 3.02
N ARG A 104 6.36 -35.48 3.42
CA ARG A 104 6.40 -34.57 4.55
C ARG A 104 7.47 -33.52 4.35
N VAL A 105 7.36 -32.43 5.12
CA VAL A 105 8.34 -31.37 5.15
C VAL A 105 9.62 -31.90 5.84
N VAL A 106 10.77 -31.67 5.20
CA VAL A 106 12.04 -32.07 5.77
C VAL A 106 12.92 -30.85 5.90
N LYS A 107 14.01 -30.98 6.66
CA LYS A 107 14.99 -29.91 6.75
C LYS A 107 15.67 -29.72 5.38
N ALA A 108 15.79 -28.46 4.97
CA ALA A 108 16.42 -28.11 3.70
C ALA A 108 17.91 -28.52 3.62
N PRO A 109 18.29 -29.18 2.50
CA PRO A 109 19.69 -29.57 2.30
C PRO A 109 20.51 -28.39 1.80
N ILE A 110 20.63 -27.37 2.63
CA ILE A 110 21.32 -26.11 2.31
C ILE A 110 22.36 -25.82 3.37
N THR A 111 23.14 -24.76 3.15
CA THR A 111 24.02 -24.26 4.20
C THR A 111 23.88 -22.76 4.23
N GLY A 112 24.54 -22.14 5.22
CA GLY A 112 24.62 -20.69 5.32
C GLY A 112 23.37 -20.05 5.92
N ASN A 113 23.20 -18.75 5.67
CA ASN A 113 22.16 -17.96 6.28
C ASN A 113 20.94 -17.70 5.38
N PHE A 114 19.93 -17.05 5.94
CA PHE A 114 18.84 -16.49 5.15
C PHE A 114 19.42 -15.51 4.14
N THR A 115 18.74 -15.38 3.01
CA THR A 115 18.98 -14.21 2.16
C THR A 115 17.69 -13.48 1.98
N TYR A 116 17.75 -12.16 2.10
CA TYR A 116 16.55 -11.36 1.99
C TYR A 116 16.44 -10.74 0.60
N ARG A 117 15.22 -10.79 0.07
CA ARG A 117 14.90 -10.08 -1.15
C ARG A 117 13.89 -8.99 -0.86
N ILE A 118 14.28 -7.76 -1.11
CA ILE A 118 13.40 -6.62 -0.89
C ILE A 118 12.74 -6.26 -2.22
N LYS A 119 11.45 -6.52 -2.32
CA LYS A 119 10.68 -6.41 -3.56
C LYS A 119 10.72 -5.00 -4.20
N GLU A 120 10.64 -4.95 -5.54
CA GLU A 120 10.51 -3.67 -6.25
C GLU A 120 9.26 -2.92 -5.74
N GLY A 121 9.42 -1.63 -5.46
CA GLY A 121 8.33 -0.83 -4.93
C GLY A 121 8.38 -0.62 -3.43
N SER A 122 9.34 -1.29 -2.77
CA SER A 122 9.53 -1.17 -1.32
C SER A 122 10.05 0.19 -0.85
N SER A 123 9.61 0.58 0.35
CA SER A 123 10.01 1.83 0.97
C SER A 123 9.71 1.74 2.46
N ARG A 124 9.94 2.85 3.19
CA ARG A 124 9.56 2.94 4.59
C ARG A 124 8.03 2.95 4.70
N TRP A 125 7.39 3.31 3.60
CA TRP A 125 5.94 3.41 3.53
C TRP A 125 5.25 2.05 3.40
N TRP A 126 5.77 1.23 2.50
CA TRP A 126 5.27 -0.12 2.25
C TRP A 126 6.44 -0.98 1.77
N ALA A 127 6.44 -2.24 2.19
CA ALA A 127 7.49 -3.16 1.78
C ALA A 127 7.05 -4.62 1.79
N ALA A 128 7.52 -5.35 0.79
CA ALA A 128 7.36 -6.80 0.76
C ALA A 128 8.76 -7.44 0.89
N ILE A 129 8.96 -8.25 1.93
CA ILE A 129 10.25 -8.92 2.15
C ILE A 129 10.21 -10.45 2.03
N GLN A 130 10.96 -10.96 1.08
CA GLN A 130 11.10 -12.41 0.92
C GLN A 130 12.29 -12.95 1.73
N VAL A 131 12.08 -14.12 2.34
CA VAL A 131 13.17 -14.90 2.91
C VAL A 131 13.53 -16.05 1.97
N ARG A 132 14.81 -16.15 1.62
CA ARG A 132 15.32 -17.29 0.88
C ARG A 132 16.31 -18.07 1.76
N ASN A 133 16.63 -19.28 1.31
CA ASN A 133 17.61 -20.14 1.98
C ASN A 133 17.27 -20.39 3.44
N HIS A 134 16.07 -20.90 3.69
CA HIS A 134 15.63 -21.22 5.04
C HIS A 134 15.40 -22.72 5.21
N LYS A 135 16.06 -23.27 6.23
CA LYS A 135 16.08 -24.72 6.49
C LYS A 135 14.70 -25.29 6.76
N TYR A 136 13.78 -24.41 7.16
CA TYR A 136 12.40 -24.76 7.48
C TYR A 136 11.46 -23.67 6.97
N PRO A 137 10.17 -24.02 6.75
CA PRO A 137 9.13 -23.07 6.35
C PRO A 137 9.08 -21.85 7.27
N VAL A 138 9.04 -20.66 6.67
CA VAL A 138 8.92 -19.46 7.48
C VAL A 138 7.45 -19.12 7.75
N MET A 139 6.99 -19.39 8.97
CA MET A 139 5.59 -19.20 9.33
C MET A 139 5.23 -17.74 9.65
N LYS A 140 6.24 -16.99 10.08
CA LYS A 140 6.04 -15.67 10.66
C LYS A 140 7.30 -14.81 10.52
N MET A 141 7.10 -13.50 10.31
CA MET A 141 8.18 -12.52 10.33
C MET A 141 7.65 -11.24 10.98
N GLU A 142 8.40 -10.72 11.94
CA GLU A 142 8.01 -9.49 12.61
C GLU A 142 9.16 -8.52 12.57
N TYR A 143 8.84 -7.23 12.50
CA TYR A 143 9.86 -6.21 12.63
C TYR A 143 9.54 -5.35 13.86
N GLU A 144 10.58 -4.82 14.50
CA GLU A 144 10.40 -3.93 15.63
C GLU A 144 10.34 -2.45 15.21
N LYS A 145 9.20 -1.81 15.47
CA LYS A 145 9.08 -0.37 15.27
C LYS A 145 8.90 0.28 16.63
N ASP A 146 9.95 0.97 17.08
CA ASP A 146 9.96 1.70 18.35
C ASP A 146 9.28 0.98 19.53
N GLY A 147 9.87 -0.12 19.98
CA GLY A 147 9.45 -0.77 21.19
C GLY A 147 8.75 -2.11 21.04
N LYS A 148 7.77 -2.17 20.14
CA LYS A 148 6.96 -3.37 20.01
C LYS A 148 7.21 -4.10 18.69
N TRP A 149 6.64 -5.30 18.56
CA TRP A 149 6.86 -6.13 17.38
C TRP A 149 5.64 -6.21 16.46
N ILE A 150 5.77 -5.67 15.25
CA ILE A 150 4.68 -5.71 14.31
C ILE A 150 4.73 -6.99 13.50
N ASN A 151 3.63 -7.75 13.51
CA ASN A 151 3.50 -8.87 12.60
C ASN A 151 3.33 -8.42 11.13
N MET A 152 4.03 -9.10 10.22
CA MET A 152 3.92 -8.82 8.79
C MET A 152 3.14 -9.95 8.18
N GLU A 153 2.17 -9.62 7.32
CA GLU A 153 1.35 -10.65 6.70
C GLU A 153 2.13 -11.36 5.58
N LYS A 154 2.06 -12.67 5.53
CA LYS A 154 2.66 -13.35 4.39
C LYS A 154 1.68 -13.39 3.22
N MET A 155 2.19 -13.11 2.04
CA MET A 155 1.38 -13.05 0.85
C MET A 155 1.48 -14.32 -0.03
N ASP A 156 0.67 -14.37 -1.08
CA ASP A 156 0.70 -15.47 -2.04
C ASP A 156 2.03 -15.48 -2.79
N TYR A 157 2.62 -14.30 -2.96
CA TYR A 157 3.90 -14.18 -3.66
C TYR A 157 5.12 -14.30 -2.72
N ASN A 158 4.90 -14.88 -1.54
CA ASN A 158 5.99 -15.41 -0.72
C ASN A 158 6.97 -14.30 -0.31
N HIS A 159 6.38 -13.19 0.17
CA HIS A 159 7.09 -12.03 0.71
C HIS A 159 6.27 -11.64 1.94
N PHE A 160 6.94 -11.18 3.00
CA PHE A 160 6.21 -10.67 4.14
C PHE A 160 6.03 -9.17 3.94
N VAL A 161 4.83 -8.67 4.28
CA VAL A 161 4.39 -7.34 3.88
C VAL A 161 3.91 -6.49 5.05
N SER A 162 4.30 -5.21 5.02
CA SER A 162 3.78 -4.25 5.99
C SER A 162 3.90 -2.78 5.52
N THR A 163 3.45 -1.88 6.38
CA THR A 163 3.40 -0.45 6.06
C THR A 163 3.97 0.37 7.19
N ASN A 164 4.38 1.59 6.87
CA ASN A 164 4.92 2.53 7.86
C ASN A 164 5.96 1.86 8.75
N LEU A 165 6.97 1.26 8.14
CA LEU A 165 7.92 0.47 8.88
C LEU A 165 8.87 1.36 9.72
N GLY A 166 8.99 2.62 9.32
CA GLY A 166 9.84 3.54 10.05
C GLY A 166 11.16 3.79 9.35
N THR A 167 11.86 4.85 9.77
CA THR A 167 13.20 5.10 9.28
C THR A 167 14.15 4.20 10.08
N GLY A 168 15.42 4.20 9.70
CA GLY A 168 16.43 3.44 10.41
C GLY A 168 16.45 1.95 10.03
N SER A 169 17.56 1.29 10.36
CA SER A 169 17.72 -0.13 10.10
C SER A 169 16.67 -0.96 10.84
N LEU A 170 16.22 -2.01 10.18
CA LEU A 170 15.07 -2.79 10.62
C LEU A 170 15.48 -4.09 11.32
N LYS A 171 15.28 -4.16 12.63
CA LYS A 171 15.51 -5.41 13.33
C LYS A 171 14.28 -6.32 13.17
N VAL A 172 14.54 -7.54 12.74
CA VAL A 172 13.48 -8.49 12.42
C VAL A 172 13.65 -9.81 13.16
N ARG A 173 12.55 -10.54 13.29
CA ARG A 173 12.62 -11.92 13.76
C ARG A 173 11.72 -12.82 12.93
N MET A 174 12.10 -14.09 12.86
CA MET A 174 11.46 -15.04 11.96
C MET A 174 11.12 -16.30 12.74
N THR A 175 9.91 -16.84 12.53
CA THR A 175 9.55 -18.08 13.18
C THR A 175 9.34 -19.18 12.13
N ASP A 176 9.81 -20.38 12.46
CA ASP A 176 9.70 -21.50 11.56
C ASP A 176 8.53 -22.40 11.95
N ILE A 177 8.33 -23.47 11.19
CA ILE A 177 7.16 -24.32 11.40
C ILE A 177 7.25 -25.12 12.71
N ARG A 178 8.42 -25.07 13.35
CA ARG A 178 8.63 -25.76 14.62
C ARG A 178 8.49 -24.81 15.80
N GLY A 179 8.20 -23.55 15.52
CA GLY A 179 8.17 -22.54 16.57
C GLY A 179 9.54 -21.94 16.93
N LYS A 180 10.59 -22.34 16.22
CA LYS A 180 11.89 -21.72 16.45
C LYS A 180 11.91 -20.28 15.93
N VAL A 181 12.56 -19.40 16.69
CA VAL A 181 12.61 -17.98 16.38
C VAL A 181 14.08 -17.58 16.32
N VAL A 182 14.40 -16.77 15.31
CA VAL A 182 15.75 -16.26 15.11
C VAL A 182 15.62 -14.79 14.76
N LYS A 183 16.57 -13.98 15.21
CA LYS A 183 16.51 -12.53 15.02
C LYS A 183 17.58 -12.09 14.03
N ASP A 184 17.34 -10.97 13.34
CA ASP A 184 18.34 -10.42 12.41
C ASP A 184 18.16 -8.91 12.24
N THR A 185 18.81 -8.35 11.23
CA THR A 185 18.76 -6.91 10.97
C THR A 185 18.91 -6.65 9.47
N ILE A 186 17.88 -6.05 8.88
CA ILE A 186 17.97 -5.60 7.50
C ILE A 186 18.37 -4.12 7.53
N PRO A 187 19.23 -3.67 6.58
CA PRO A 187 19.55 -2.24 6.51
C PRO A 187 18.33 -1.36 6.17
N LYS A 188 18.33 -0.11 6.62
CA LYS A 188 17.19 0.79 6.45
C LYS A 188 16.64 0.85 5.02
N LEU A 189 15.32 0.89 4.94
CA LEU A 189 14.62 0.93 3.67
C LEU A 189 14.76 2.31 3.03
N PRO A 190 14.68 2.34 1.69
CA PRO A 190 14.65 3.61 0.94
C PRO A 190 13.46 4.49 1.32
N GLU A 191 13.66 5.80 1.21
CA GLU A 191 12.63 6.80 1.51
C GLU A 191 11.59 6.78 0.40
N SER A 192 12.06 6.61 -0.83
CA SER A 192 11.20 6.51 -1.99
C SER A 192 11.26 5.08 -2.55
N GLY A 193 10.13 4.60 -3.09
CA GLY A 193 10.02 3.24 -3.59
C GLY A 193 11.08 2.80 -4.59
N THR A 194 11.76 1.70 -4.25
CA THR A 194 12.82 1.15 -5.09
C THR A 194 12.30 0.56 -6.42
N SER A 195 12.88 1.01 -7.53
CA SER A 195 12.44 0.62 -8.86
C SER A 195 12.84 -0.81 -9.21
N LYS A 196 13.72 -1.38 -8.40
CA LYS A 196 14.27 -2.69 -8.65
C LYS A 196 14.27 -3.48 -7.34
N ALA A 197 14.01 -4.78 -7.42
CA ALA A 197 14.14 -5.63 -6.25
C ALA A 197 15.61 -5.85 -5.95
N TYR A 198 15.94 -5.99 -4.67
CA TYR A 198 17.33 -6.16 -4.28
C TYR A 198 17.57 -7.16 -3.13
N THR A 199 18.83 -7.58 -3.02
CA THR A 199 19.26 -8.70 -2.20
C THR A 199 19.99 -8.21 -0.95
N VAL A 200 19.60 -8.75 0.19
CA VAL A 200 20.31 -8.54 1.44
C VAL A 200 20.75 -9.88 2.02
N PRO A 201 22.06 -10.17 1.95
CA PRO A 201 22.56 -11.38 2.62
C PRO A 201 22.27 -11.33 4.13
N GLY A 202 21.70 -12.41 4.65
CA GLY A 202 21.32 -12.43 6.06
C GLY A 202 22.38 -12.97 7.01
N HIS A 203 22.09 -12.90 8.31
CA HIS A 203 23.11 -13.25 9.27
C HIS A 203 22.70 -14.33 10.23
N VAL A 204 21.63 -15.02 9.88
CA VAL A 204 21.03 -15.98 10.77
C VAL A 204 20.36 -17.09 9.96
N GLN A 205 20.17 -18.23 10.59
CA GLN A 205 19.53 -19.37 9.98
C GLN A 205 18.69 -20.05 11.08
N PHE A 206 17.67 -20.81 10.71
CA PHE A 206 16.95 -21.60 11.69
C PHE A 206 17.88 -22.69 12.23
N PRO A 207 17.73 -23.05 13.52
CA PRO A 207 18.47 -24.14 14.17
C PRO A 207 18.33 -25.45 13.40
N GLU A 208 19.37 -26.28 13.48
CA GLU A 208 19.41 -27.55 12.77
C GLU A 208 18.10 -28.33 12.92
N ALA B 2 -21.07 25.15 -0.64
CA ALA B 2 -22.19 25.82 -0.04
C ALA B 2 -22.59 26.94 -0.98
N TYR B 3 -23.85 27.37 -0.96
CA TYR B 3 -24.14 28.72 -1.43
C TYR B 3 -24.31 29.55 -0.21
N ASP B 4 -24.76 28.91 0.86
CA ASP B 4 -24.77 29.57 2.15
C ASP B 4 -24.21 28.69 3.24
N ASP B 5 -23.66 29.34 4.26
CA ASP B 5 -22.84 28.70 5.28
C ASP B 5 -22.42 29.80 6.25
N LEU B 6 -22.14 29.42 7.50
CA LEU B 6 -21.68 30.38 8.50
C LEU B 6 -21.02 29.73 9.71
N HIS B 7 -19.81 30.15 10.02
CA HIS B 7 -19.15 29.69 11.23
C HIS B 7 -18.73 30.88 12.05
N GLU B 8 -18.79 30.72 13.36
CA GLU B 8 -18.20 31.69 14.28
C GLU B 8 -17.00 31.05 14.94
N GLY B 9 -15.92 31.83 15.04
CA GLY B 9 -14.72 31.33 15.68
C GLY B 9 -13.73 32.44 15.96
N TYR B 10 -12.48 32.05 16.08
CA TYR B 10 -11.39 32.99 16.26
C TYR B 10 -10.28 32.72 15.24
N ALA B 11 -9.54 33.76 14.91
CA ALA B 11 -8.40 33.61 14.03
C ALA B 11 -7.10 34.11 14.67
N THR B 12 -6.04 33.36 14.42
CA THR B 12 -4.69 33.84 14.68
C THR B 12 -3.98 33.88 13.31
N TYR B 13 -2.68 34.12 13.30
CA TYR B 13 -1.96 34.07 12.02
C TYR B 13 -0.61 33.35 12.07
N THR B 14 -0.25 32.76 10.93
CA THR B 14 0.97 31.98 10.81
C THR B 14 1.68 32.23 9.49
N GLY B 15 2.95 31.87 9.46
CA GLY B 15 3.78 32.05 8.29
C GLY B 15 3.90 30.77 7.49
N SER B 16 3.35 29.67 7.99
CA SER B 16 3.45 28.38 7.32
C SER B 16 2.32 28.11 6.30
N GLY B 17 2.23 26.86 5.84
CA GLY B 17 1.22 26.47 4.86
C GLY B 17 1.50 26.81 3.39
N TYR B 18 2.57 27.54 3.13
CA TYR B 18 2.95 27.85 1.75
C TYR B 18 3.73 26.72 1.10
N SER B 19 4.62 26.12 1.86
CA SER B 19 5.25 24.89 1.43
C SER B 19 4.96 23.87 2.52
N GLY B 20 4.94 22.58 2.15
CA GLY B 20 4.87 21.49 3.08
C GLY B 20 3.63 21.34 3.95
N GLY B 21 2.52 21.96 3.55
CA GLY B 21 1.25 21.77 4.24
C GLY B 21 0.76 20.33 4.14
N ALA B 22 -0.26 19.98 4.94
CA ALA B 22 -0.75 18.60 5.04
C ALA B 22 -1.58 18.17 3.84
N PHE B 23 -2.13 19.14 3.13
CA PHE B 23 -3.04 18.86 2.01
C PHE B 23 -2.29 18.69 0.69
N LEU B 24 -0.96 18.82 0.75
CA LEU B 24 -0.09 18.55 -0.39
C LEU B 24 -0.56 19.32 -1.63
N LEU B 25 -0.75 20.62 -1.48
CA LEU B 25 -1.30 21.41 -2.56
C LEU B 25 -0.24 22.30 -3.24
N ASP B 26 1.03 22.00 -2.96
CA ASP B 26 2.18 22.74 -3.49
C ASP B 26 2.29 22.65 -5.03
N PRO B 27 2.73 23.75 -5.67
CA PRO B 27 3.26 24.94 -5.02
C PRO B 27 2.20 26.02 -4.73
N ILE B 28 2.44 26.80 -3.69
CA ILE B 28 1.55 27.90 -3.34
C ILE B 28 2.21 29.24 -3.61
N PRO B 29 1.69 30.02 -4.58
CA PRO B 29 2.20 31.37 -4.86
C PRO B 29 2.27 32.20 -3.58
N SER B 30 3.39 32.88 -3.41
CA SER B 30 3.74 33.50 -2.14
C SER B 30 2.75 34.60 -1.72
N ASP B 31 2.15 35.27 -2.71
CA ASP B 31 1.27 36.41 -2.41
C ASP B 31 -0.20 36.01 -2.31
N MET B 32 -0.45 34.71 -2.34
CA MET B 32 -1.80 34.18 -2.23
C MET B 32 -2.28 34.22 -0.78
N GLU B 33 -3.52 34.67 -0.55
CA GLU B 33 -4.09 34.59 0.78
C GLU B 33 -4.54 33.16 1.15
N ILE B 34 -3.98 32.65 2.26
CA ILE B 34 -4.22 31.27 2.67
C ILE B 34 -4.61 31.12 4.15
N THR B 35 -5.04 29.92 4.52
CA THR B 35 -5.35 29.58 5.91
C THR B 35 -5.09 28.10 6.22
N ALA B 36 -4.72 27.84 7.47
CA ALA B 36 -4.77 26.49 8.05
C ALA B 36 -6.12 26.31 8.77
N ILE B 37 -6.65 25.08 8.78
CA ILE B 37 -7.98 24.83 9.32
C ILE B 37 -8.02 23.81 10.46
N ASN B 38 -8.86 24.11 11.46
CA ASN B 38 -9.05 23.23 12.62
C ASN B 38 -9.65 21.91 12.18
N PRO B 39 -9.25 20.83 12.85
CA PRO B 39 -9.63 19.45 12.49
C PRO B 39 -11.15 19.19 12.36
N ALA B 40 -11.94 19.75 13.28
CA ALA B 40 -13.39 19.52 13.32
C ALA B 40 -14.11 20.03 12.06
N ASP B 41 -13.82 21.28 11.69
CA ASP B 41 -14.42 21.82 10.48
C ASP B 41 -13.80 21.18 9.24
N LEU B 42 -12.49 20.88 9.31
CA LEU B 42 -11.78 20.21 8.22
C LEU B 42 -12.44 18.91 7.79
N ASN B 43 -12.83 18.12 8.78
CA ASN B 43 -13.42 16.81 8.54
C ASN B 43 -14.95 16.85 8.55
N TYR B 44 -15.49 17.86 7.90
CA TYR B 44 -16.92 18.06 7.80
C TYR B 44 -17.59 16.80 7.27
N GLY B 45 -18.69 16.40 7.91
CA GLY B 45 -19.45 15.25 7.45
C GLY B 45 -18.67 13.95 7.50
N GLY B 46 -17.64 13.93 8.34
CA GLY B 46 -16.83 12.73 8.52
C GLY B 46 -15.99 12.33 7.32
N VAL B 47 -15.65 13.30 6.48
CA VAL B 47 -14.70 13.06 5.39
C VAL B 47 -13.36 13.70 5.78
N LYS B 48 -12.31 12.88 5.89
CA LYS B 48 -11.01 13.41 6.25
C LYS B 48 -10.61 14.41 5.17
N ALA B 49 -10.09 15.56 5.60
CA ALA B 49 -9.74 16.66 4.71
C ALA B 49 -10.85 17.01 3.69
N ALA B 50 -12.09 17.06 4.16
CA ALA B 50 -13.22 17.45 3.34
C ALA B 50 -13.05 18.86 2.78
N LEU B 51 -12.49 19.75 3.58
CA LEU B 51 -12.43 21.16 3.21
C LEU B 51 -11.07 21.57 2.71
N ALA B 52 -10.20 20.58 2.52
CA ALA B 52 -8.88 20.86 1.99
C ALA B 52 -9.01 21.40 0.56
N GLY B 53 -8.36 22.52 0.28
CA GLY B 53 -8.36 23.07 -1.06
C GLY B 53 -9.61 23.87 -1.32
N SER B 54 -10.38 24.12 -0.27
CA SER B 54 -11.58 24.91 -0.41
C SER B 54 -11.24 26.38 -0.22
N TYR B 55 -12.23 27.24 -0.43
CA TYR B 55 -12.03 28.65 -0.20
C TYR B 55 -13.05 29.17 0.81
N LEU B 56 -12.58 30.03 1.70
CA LEU B 56 -13.44 30.63 2.70
C LEU B 56 -13.39 32.15 2.62
N GLU B 57 -14.55 32.77 2.78
CA GLU B 57 -14.61 34.20 3.03
C GLU B 57 -14.60 34.42 4.55
N VAL B 58 -13.63 35.17 5.02
CA VAL B 58 -13.54 35.42 6.46
C VAL B 58 -13.78 36.90 6.79
N GLU B 59 -14.65 37.12 7.77
CA GLU B 59 -14.95 38.46 8.26
C GLU B 59 -14.28 38.70 9.60
N GLY B 60 -13.45 39.73 9.63
CA GLY B 60 -12.79 40.16 10.85
C GLY B 60 -13.31 41.52 11.23
N PRO B 61 -12.87 42.04 12.39
CA PRO B 61 -13.31 43.34 12.92
C PRO B 61 -13.13 44.51 11.94
N LYS B 62 -12.27 44.33 10.94
CA LYS B 62 -11.90 45.43 10.07
C LYS B 62 -12.09 45.15 8.58
N GLY B 63 -12.90 44.15 8.25
CA GLY B 63 -13.14 43.82 6.86
C GLY B 63 -13.36 42.34 6.56
N LYS B 64 -13.55 42.03 5.28
CA LYS B 64 -13.72 40.66 4.82
C LYS B 64 -12.62 40.32 3.84
N THR B 65 -12.25 39.06 3.77
CA THR B 65 -11.33 38.62 2.72
C THR B 65 -11.50 37.13 2.45
N THR B 66 -10.91 36.68 1.35
CA THR B 66 -11.05 35.29 0.90
C THR B 66 -9.72 34.54 0.89
N VAL B 67 -9.75 33.30 1.40
CA VAL B 67 -8.54 32.50 1.56
C VAL B 67 -8.63 31.05 1.06
N TYR B 68 -7.50 30.53 0.60
CA TYR B 68 -7.33 29.16 0.12
C TYR B 68 -6.89 28.26 1.28
N VAL B 69 -7.56 27.14 1.47
CA VAL B 69 -7.28 26.25 2.61
C VAL B 69 -6.22 25.24 2.23
N THR B 70 -5.01 25.38 2.80
CA THR B 70 -3.84 24.60 2.38
C THR B 70 -3.21 23.72 3.47
N ASP B 71 -3.69 23.82 4.70
CA ASP B 71 -3.01 23.15 5.80
C ASP B 71 -3.91 22.88 7.01
N LEU B 72 -3.55 21.87 7.80
CA LEU B 72 -4.24 21.58 9.06
C LEU B 72 -3.73 22.47 10.19
N TYR B 73 -4.67 22.99 10.97
CA TYR B 73 -4.40 23.76 12.20
C TYR B 73 -4.68 22.83 13.40
N PRO B 74 -3.66 22.03 13.80
CA PRO B 74 -3.77 20.88 14.72
C PRO B 74 -4.36 21.25 16.09
N GLU B 75 -3.99 22.41 16.61
CA GLU B 75 -4.46 22.85 17.92
C GLU B 75 -5.68 23.80 17.84
N GLY B 76 -6.52 23.62 16.83
CA GLY B 76 -7.65 24.51 16.66
C GLY B 76 -8.97 24.00 17.24
N ALA B 77 -9.67 24.88 17.93
CA ALA B 77 -11.04 24.62 18.35
C ALA B 77 -11.98 24.78 17.13
N ARG B 78 -13.21 24.27 17.25
CA ARG B 78 -14.24 24.50 16.22
C ARG B 78 -14.25 25.96 15.79
N GLY B 79 -14.32 26.19 14.48
CA GLY B 79 -14.31 27.54 13.93
C GLY B 79 -13.00 28.29 13.98
N ALA B 80 -11.93 27.65 14.45
CA ALA B 80 -10.66 28.35 14.55
C ALA B 80 -9.86 28.26 13.25
N LEU B 81 -9.27 29.39 12.87
CA LEU B 81 -8.47 29.51 11.65
C LEU B 81 -7.10 30.12 11.93
N ASP B 82 -6.08 29.62 11.21
CA ASP B 82 -4.73 30.20 11.24
C ASP B 82 -4.41 30.85 9.85
N LEU B 83 -4.58 32.17 9.78
CA LEU B 83 -4.48 32.91 8.51
C LEU B 83 -3.04 33.26 8.17
N SER B 84 -2.76 33.42 6.88
CA SER B 84 -1.52 34.07 6.47
C SER B 84 -1.65 35.56 6.77
N PRO B 85 -0.52 36.21 7.09
CA PRO B 85 -0.48 37.65 7.39
C PRO B 85 -1.09 38.55 6.31
N ASN B 86 -0.89 38.22 5.03
CA ASN B 86 -1.47 39.07 4.00
C ASN B 86 -3.00 39.06 4.03
N ALA B 87 -3.57 37.98 4.58
CA ALA B 87 -5.02 37.88 4.76
C ALA B 87 -5.47 38.49 6.09
N PHE B 88 -4.66 38.27 7.12
CA PHE B 88 -4.99 38.77 8.45
C PHE B 88 -5.00 40.29 8.45
N ARG B 89 -3.97 40.86 7.80
CA ARG B 89 -3.76 42.29 7.62
C ARG B 89 -4.98 43.01 7.08
N LYS B 90 -5.83 42.30 6.34
CA LYS B 90 -7.03 42.88 5.72
C LYS B 90 -8.29 42.89 6.61
N ILE B 91 -8.35 42.01 7.60
CA ILE B 91 -9.58 41.90 8.39
C ILE B 91 -9.33 42.15 9.88
N GLY B 92 -8.06 42.28 10.24
CA GLY B 92 -7.70 42.56 11.62
C GLY B 92 -6.43 43.36 11.78
N ASN B 93 -6.16 43.77 13.02
CA ASN B 93 -4.92 44.45 13.33
C ASN B 93 -3.85 43.46 13.73
N MET B 94 -2.68 43.61 13.11
CA MET B 94 -1.56 42.70 13.36
C MET B 94 -1.03 42.77 14.79
N LYS B 95 -1.38 43.85 15.48
CA LYS B 95 -1.08 44.01 16.90
C LYS B 95 -1.89 43.02 17.77
N ASP B 96 -2.95 42.44 17.21
CA ASP B 96 -3.64 41.37 17.90
C ASP B 96 -3.03 40.00 17.57
N GLY B 97 -3.05 39.10 18.54
CA GLY B 97 -2.63 37.72 18.32
C GLY B 97 -3.82 36.81 18.11
N LYS B 98 -5.00 37.41 18.15
CA LYS B 98 -6.24 36.66 18.15
C LYS B 98 -7.38 37.64 17.92
N ILE B 99 -8.30 37.29 17.01
CA ILE B 99 -9.45 38.15 16.70
C ILE B 99 -10.73 37.32 16.63
N ASN B 100 -11.88 37.98 16.71
CA ASN B 100 -13.15 37.30 16.48
C ASN B 100 -13.42 37.26 15.00
N ILE B 101 -13.94 36.14 14.51
CA ILE B 101 -14.22 36.01 13.10
C ILE B 101 -15.55 35.30 12.81
N LYS B 102 -16.11 35.61 11.64
CA LYS B 102 -17.16 34.79 11.04
C LYS B 102 -16.63 34.30 9.70
N TRP B 103 -16.93 33.05 9.34
CA TRP B 103 -16.53 32.57 8.02
C TRP B 103 -17.53 31.62 7.36
N ARG B 104 -17.42 31.52 6.04
CA ARG B 104 -18.21 30.58 5.24
C ARG B 104 -17.36 30.00 4.11
N VAL B 105 -17.66 28.73 3.77
CA VAL B 105 -17.20 28.13 2.52
C VAL B 105 -17.88 28.86 1.36
N VAL B 106 -17.11 29.28 0.38
CA VAL B 106 -17.66 29.99 -0.78
C VAL B 106 -17.18 29.42 -2.11
N LYS B 107 -17.72 29.94 -3.20
CA LYS B 107 -17.26 29.54 -4.53
C LYS B 107 -15.81 29.92 -4.73
N ALA B 108 -15.06 29.06 -5.40
CA ALA B 108 -13.65 29.34 -5.68
C ALA B 108 -13.48 30.39 -6.78
N PRO B 109 -12.68 31.44 -6.49
CA PRO B 109 -12.35 32.45 -7.49
C PRO B 109 -11.36 31.86 -8.49
N ILE B 110 -11.77 30.79 -9.14
CA ILE B 110 -10.94 30.15 -10.16
C ILE B 110 -11.65 30.09 -11.54
N THR B 111 -10.90 29.72 -12.56
CA THR B 111 -11.48 29.48 -13.88
C THR B 111 -10.96 28.13 -14.37
N GLY B 112 -11.64 27.55 -15.37
CA GLY B 112 -11.23 26.28 -15.94
C GLY B 112 -11.70 25.05 -15.16
N ASN B 113 -11.22 23.90 -15.58
CA ASN B 113 -11.66 22.64 -14.97
C ASN B 113 -10.76 22.19 -13.82
N PHE B 114 -11.05 20.99 -13.30
CA PHE B 114 -10.23 20.34 -12.31
C PHE B 114 -8.88 19.99 -12.94
N THR B 115 -7.84 19.85 -12.13
CA THR B 115 -6.69 19.05 -12.55
C THR B 115 -6.53 17.91 -11.54
N TYR B 116 -5.95 16.81 -11.97
CA TYR B 116 -5.71 15.69 -11.05
C TYR B 116 -4.23 15.51 -10.73
N ARG B 117 -3.94 15.23 -9.46
CA ARG B 117 -2.59 14.89 -9.02
C ARG B 117 -2.53 13.39 -8.73
N ILE B 118 -1.65 12.68 -9.43
CA ILE B 118 -1.45 11.25 -9.17
C ILE B 118 -0.25 11.12 -8.26
N LYS B 119 -0.47 10.58 -7.07
CA LYS B 119 0.58 10.54 -6.05
C LYS B 119 1.69 9.53 -6.40
N GLU B 120 2.92 9.86 -6.03
CA GLU B 120 4.05 8.96 -6.23
C GLU B 120 3.74 7.61 -5.56
N GLY B 121 4.04 6.54 -6.28
CA GLY B 121 3.77 5.20 -5.78
C GLY B 121 2.41 4.64 -6.18
N SER B 122 1.69 5.37 -7.02
CA SER B 122 0.37 4.93 -7.50
C SER B 122 0.51 3.99 -8.69
N SER B 123 -0.37 2.99 -8.72
CA SER B 123 -0.36 1.98 -9.77
C SER B 123 -1.75 1.39 -9.86
N ARG B 124 -1.87 0.33 -10.66
CA ARG B 124 -3.10 -0.44 -10.84
C ARG B 124 -3.59 -1.04 -9.51
N TRP B 125 -2.66 -1.20 -8.56
CA TRP B 125 -2.92 -1.90 -7.31
C TRP B 125 -3.31 -0.97 -6.17
N TRP B 126 -2.81 0.26 -6.24
CA TRP B 126 -3.04 1.28 -5.22
C TRP B 126 -2.77 2.66 -5.80
N ALA B 127 -3.71 3.57 -5.58
CA ALA B 127 -3.56 4.91 -6.09
C ALA B 127 -4.03 5.92 -5.04
N ALA B 128 -3.37 7.07 -5.04
CA ALA B 128 -3.81 8.23 -4.29
C ALA B 128 -3.99 9.39 -5.28
N ILE B 129 -5.24 9.80 -5.45
CA ILE B 129 -5.60 10.79 -6.45
C ILE B 129 -6.16 12.02 -5.78
N GLN B 130 -5.58 13.17 -6.11
CA GLN B 130 -6.03 14.42 -5.57
C GLN B 130 -6.72 15.27 -6.65
N VAL B 131 -7.81 15.93 -6.27
CA VAL B 131 -8.45 16.90 -7.14
C VAL B 131 -7.98 18.29 -6.78
N ARG B 132 -7.58 19.04 -7.80
CA ARG B 132 -7.23 20.44 -7.60
C ARG B 132 -8.14 21.31 -8.46
N ASN B 133 -8.17 22.60 -8.15
CA ASN B 133 -8.92 23.55 -8.96
C ASN B 133 -10.40 23.17 -8.98
N HIS B 134 -10.93 22.93 -7.79
CA HIS B 134 -12.34 22.66 -7.64
C HIS B 134 -13.03 23.88 -7.04
N LYS B 135 -14.18 24.26 -7.61
CA LYS B 135 -14.91 25.44 -7.15
C LYS B 135 -15.51 25.28 -5.76
N TYR B 136 -15.78 24.04 -5.36
CA TYR B 136 -16.36 23.72 -4.06
C TYR B 136 -15.63 22.52 -3.45
N PRO B 137 -15.74 22.34 -2.11
CA PRO B 137 -15.16 21.16 -1.46
C PRO B 137 -15.47 19.87 -2.21
N VAL B 138 -14.51 18.96 -2.27
CA VAL B 138 -14.76 17.67 -2.87
C VAL B 138 -15.06 16.67 -1.75
N MET B 139 -16.33 16.31 -1.61
CA MET B 139 -16.77 15.42 -0.53
C MET B 139 -16.61 13.93 -0.87
N LYS B 140 -16.70 13.61 -2.16
CA LYS B 140 -16.70 12.23 -2.60
C LYS B 140 -15.99 12.07 -3.94
N MET B 141 -15.27 10.97 -4.08
CA MET B 141 -14.77 10.54 -5.38
C MET B 141 -14.97 9.04 -5.57
N GLU B 142 -15.67 8.66 -6.64
CA GLU B 142 -15.79 7.26 -7.02
C GLU B 142 -15.16 6.96 -8.39
N TYR B 143 -14.83 5.70 -8.61
CA TYR B 143 -14.38 5.27 -9.92
C TYR B 143 -15.14 4.00 -10.32
N GLU B 144 -15.22 3.75 -11.62
CA GLU B 144 -15.96 2.60 -12.10
C GLU B 144 -15.01 1.45 -12.38
N LYS B 145 -15.26 0.33 -11.68
CA LYS B 145 -14.49 -0.89 -11.83
C LYS B 145 -15.40 -1.95 -12.44
N ASP B 146 -15.55 -1.87 -13.76
CA ASP B 146 -16.22 -2.88 -14.59
C ASP B 146 -17.46 -3.50 -13.96
N GLY B 147 -18.53 -2.72 -13.91
CA GLY B 147 -19.78 -3.15 -13.33
C GLY B 147 -20.47 -2.04 -12.57
N LYS B 148 -19.90 -1.69 -11.42
CA LYS B 148 -20.47 -0.66 -10.57
C LYS B 148 -19.40 0.25 -9.97
N TRP B 149 -19.86 1.26 -9.24
CA TRP B 149 -18.98 2.30 -8.72
C TRP B 149 -18.32 1.97 -7.36
N ILE B 150 -17.07 2.37 -7.21
CA ILE B 150 -16.31 2.11 -5.99
C ILE B 150 -15.98 3.42 -5.28
N ASN B 151 -16.16 3.43 -3.97
CA ASN B 151 -15.86 4.63 -3.20
C ASN B 151 -14.38 4.72 -2.79
N MET B 152 -13.81 5.91 -2.95
CA MET B 152 -12.41 6.13 -2.62
C MET B 152 -12.33 6.88 -1.29
N GLU B 153 -11.52 6.35 -0.37
CA GLU B 153 -11.39 7.00 0.92
C GLU B 153 -10.62 8.30 0.76
N LYS B 154 -11.18 9.42 1.20
CA LYS B 154 -10.35 10.62 1.23
C LYS B 154 -9.40 10.56 2.44
N MET B 155 -8.14 10.91 2.22
CA MET B 155 -7.09 10.80 3.24
C MET B 155 -6.81 12.14 3.92
N ASP B 156 -6.09 12.09 5.05
CA ASP B 156 -5.67 13.31 5.75
C ASP B 156 -4.84 14.19 4.84
N TYR B 157 -4.17 13.57 3.87
CA TYR B 157 -3.29 14.27 2.94
C TYR B 157 -3.92 14.63 1.58
N ASN B 158 -5.23 14.83 1.57
CA ASN B 158 -5.96 15.41 0.43
C ASN B 158 -5.81 14.64 -0.90
N HIS B 159 -5.72 13.33 -0.80
CA HIS B 159 -5.88 12.44 -1.96
C HIS B 159 -6.97 11.39 -1.66
N PHE B 160 -7.74 11.01 -2.67
CA PHE B 160 -8.69 9.91 -2.55
C PHE B 160 -7.93 8.63 -2.91
N VAL B 161 -8.12 7.60 -2.08
CA VAL B 161 -7.37 6.36 -2.19
C VAL B 161 -8.28 5.14 -2.41
N SER B 162 -7.93 4.31 -3.39
CA SER B 162 -8.50 2.97 -3.53
C SER B 162 -7.43 1.91 -3.90
N THR B 163 -7.89 0.69 -4.21
CA THR B 163 -6.99 -0.41 -4.52
C THR B 163 -7.59 -1.32 -5.58
N ASN B 164 -6.74 -2.04 -6.31
CA ASN B 164 -7.19 -2.92 -7.40
C ASN B 164 -8.17 -2.19 -8.31
N LEU B 165 -7.69 -1.12 -8.90
CA LEU B 165 -8.53 -0.23 -9.68
C LEU B 165 -8.71 -0.76 -11.12
N GLY B 166 -7.87 -1.73 -11.50
CA GLY B 166 -7.92 -2.33 -12.81
C GLY B 166 -7.06 -1.59 -13.81
N THR B 167 -7.02 -2.07 -15.05
CA THR B 167 -6.22 -1.44 -16.12
C THR B 167 -7.10 -0.57 -17.03
N GLY B 168 -6.45 0.16 -17.93
CA GLY B 168 -7.15 1.06 -18.84
C GLY B 168 -7.34 2.45 -18.26
N SER B 169 -8.20 3.25 -18.89
CA SER B 169 -8.51 4.58 -18.37
C SER B 169 -9.62 4.53 -17.32
N LEU B 170 -9.60 5.51 -16.42
CA LEU B 170 -10.39 5.42 -15.21
C LEU B 170 -11.61 6.35 -15.20
N LYS B 171 -12.80 5.76 -15.16
CA LYS B 171 -14.03 6.56 -15.14
C LYS B 171 -14.35 7.05 -13.72
N VAL B 172 -14.27 8.36 -13.52
CA VAL B 172 -14.49 8.93 -12.19
C VAL B 172 -15.72 9.83 -12.09
N ARG B 173 -16.29 9.90 -10.90
CA ARG B 173 -17.29 10.92 -10.60
C ARG B 173 -17.03 11.56 -9.24
N MET B 174 -17.08 12.89 -9.23
CA MET B 174 -16.82 13.69 -8.04
C MET B 174 -18.08 14.34 -7.50
N THR B 175 -18.16 14.47 -6.18
CA THR B 175 -19.32 15.10 -5.55
C THR B 175 -18.95 16.22 -4.59
N ASP B 176 -19.54 17.39 -4.80
CA ASP B 176 -19.23 18.52 -3.94
C ASP B 176 -20.06 18.58 -2.64
N ILE B 177 -19.79 19.60 -1.85
CA ILE B 177 -20.41 19.78 -0.54
C ILE B 177 -21.89 20.16 -0.67
N ARG B 178 -22.27 20.70 -1.83
CA ARG B 178 -23.67 21.05 -2.09
C ARG B 178 -24.46 19.83 -2.55
N GLY B 179 -23.76 18.71 -2.77
CA GLY B 179 -24.41 17.51 -3.28
C GLY B 179 -24.28 17.32 -4.79
N LYS B 180 -23.56 18.23 -5.47
CA LYS B 180 -23.48 18.21 -6.93
C LYS B 180 -22.43 17.23 -7.49
N VAL B 181 -22.82 16.49 -8.53
CA VAL B 181 -22.01 15.41 -9.08
C VAL B 181 -21.59 15.63 -10.53
N VAL B 182 -20.31 15.57 -10.80
CA VAL B 182 -19.82 15.65 -12.17
C VAL B 182 -19.05 14.40 -12.53
N LYS B 183 -18.86 14.17 -13.83
CA LYS B 183 -18.14 12.99 -14.30
C LYS B 183 -16.95 13.30 -15.22
N ASP B 184 -15.84 12.61 -14.98
CA ASP B 184 -14.65 12.78 -15.82
C ASP B 184 -13.94 11.44 -16.02
N THR B 185 -12.92 11.47 -16.86
CA THR B 185 -12.11 10.31 -17.14
C THR B 185 -10.64 10.70 -16.91
N ILE B 186 -9.88 9.75 -16.38
CA ILE B 186 -8.47 9.94 -16.07
C ILE B 186 -7.67 8.83 -16.75
N PRO B 187 -6.50 9.18 -17.31
CA PRO B 187 -5.65 8.25 -18.07
C PRO B 187 -5.30 6.94 -17.36
N LYS B 188 -4.62 6.06 -18.08
CA LYS B 188 -4.23 4.75 -17.61
C LYS B 188 -3.28 4.82 -16.39
N LEU B 189 -3.51 3.95 -15.40
CA LEU B 189 -2.62 3.84 -14.24
C LEU B 189 -1.46 2.84 -14.47
N PRO B 190 -0.21 3.24 -14.09
CA PRO B 190 1.00 2.43 -14.31
C PRO B 190 0.87 0.99 -13.82
N GLU B 191 1.62 0.08 -14.44
CA GLU B 191 1.60 -1.32 -14.01
C GLU B 191 2.31 -1.46 -12.66
N SER B 192 3.37 -0.67 -12.49
CA SER B 192 4.09 -0.61 -11.21
C SER B 192 4.16 0.83 -10.70
N GLY B 193 4.35 0.96 -9.37
CA GLY B 193 4.30 2.24 -8.66
C GLY B 193 5.13 3.38 -9.21
N THR B 194 4.43 4.45 -9.62
CA THR B 194 5.02 5.61 -10.30
C THR B 194 6.11 6.33 -9.49
N SER B 195 7.29 6.48 -10.07
CA SER B 195 8.44 6.96 -9.31
C SER B 195 8.30 8.42 -8.84
N LYS B 196 7.60 9.24 -9.62
CA LYS B 196 7.36 10.63 -9.26
C LYS B 196 5.89 10.94 -9.38
N ALA B 197 5.41 11.85 -8.54
CA ALA B 197 4.04 12.31 -8.64
C ALA B 197 3.85 13.23 -9.86
N TYR B 198 2.69 13.12 -10.52
CA TYR B 198 2.37 13.98 -11.66
C TYR B 198 0.94 14.52 -11.71
N THR B 199 0.76 15.60 -12.46
CA THR B 199 -0.55 16.23 -12.63
C THR B 199 -1.12 15.94 -14.03
N VAL B 200 -2.42 15.65 -14.09
CA VAL B 200 -3.13 15.48 -15.38
C VAL B 200 -4.32 16.45 -15.43
N PRO B 201 -4.58 17.04 -16.62
CA PRO B 201 -5.65 18.05 -16.80
C PRO B 201 -7.04 17.41 -16.78
N GLY B 202 -8.01 18.12 -16.19
CA GLY B 202 -9.37 17.62 -16.13
C GLY B 202 -10.27 18.27 -17.17
N HIS B 203 -11.49 17.78 -17.29
CA HIS B 203 -12.36 18.24 -18.36
C HIS B 203 -13.76 18.46 -17.83
N VAL B 204 -13.84 18.69 -16.52
CA VAL B 204 -15.12 18.88 -15.85
C VAL B 204 -14.97 19.80 -14.62
N GLN B 205 -16.09 20.37 -14.18
CA GLN B 205 -16.07 21.34 -13.10
C GLN B 205 -17.43 21.34 -12.41
N PHE B 206 -17.42 21.54 -11.10
CA PHE B 206 -18.66 21.76 -10.36
C PHE B 206 -19.43 23.00 -10.88
N PRO B 207 -20.77 22.92 -10.85
CA PRO B 207 -21.69 24.00 -11.25
C PRO B 207 -21.46 25.24 -10.43
N GLU B 208 -21.65 26.41 -11.04
CA GLU B 208 -21.42 27.67 -10.35
C GLU B 208 -22.27 27.76 -9.07
#